data_6TYQ
#
_entry.id   6TYQ
#
_cell.length_a   69.752
_cell.length_b   98.923
_cell.length_c   99.630
_cell.angle_alpha   90.00
_cell.angle_beta   90.00
_cell.angle_gamma   90.00
#
_symmetry.space_group_name_H-M   'P 21 21 21'
#
loop_
_entity.id
_entity.type
_entity.pdbx_description
1 polymer 'Pertussis-like toxin subunit B'
2 branched '9-O-acetyl-5-acetamido-3,5-dideoxy-D-glycero-alpha-D-galacto-non-2-ulopyranosonic acid-(2-6)-beta-D-galactopyranose-(1-4)-2-acetamido-2-deoxy-beta-D-glucopyranose'
3 water water
#
_entity_poly.entity_id   1
_entity_poly.type   'polypeptide(L)'
_entity_poly.pdbx_seq_one_letter_code
;EWTGDNTNAYYSDEVISELHVGQIDTSPYFCIKTVKANGSGTPVVACAVSKQSIWAPSFKELLDQARYFYSTGQSVRIHV
QKNIWTYPLFVNTFSANALVGLSSCSATQCFGPK
;
_entity_poly.pdbx_strand_id   A,B,C,D,E
#
# COMPACT_ATOMS: atom_id res chain seq x y z
N GLU A 1 13.63 -8.17 -24.10
CA GLU A 1 12.58 -7.16 -24.24
C GLU A 1 12.81 -6.02 -23.24
N TRP A 2 12.32 -4.84 -23.60
CA TRP A 2 12.50 -3.70 -22.73
C TRP A 2 11.41 -2.69 -23.08
N THR A 3 10.87 -2.06 -22.03
CA THR A 3 9.97 -0.93 -22.20
C THR A 3 10.42 0.00 -23.30
N GLY A 4 11.72 0.31 -23.33
CA GLY A 4 12.28 1.26 -24.27
C GLY A 4 12.58 0.74 -25.67
N ASP A 5 12.32 -0.54 -25.96
CA ASP A 5 12.54 -1.07 -27.30
C ASP A 5 11.84 -0.21 -28.35
N ASN A 6 12.49 -0.04 -29.50
CA ASN A 6 11.89 0.81 -30.53
C ASN A 6 10.70 0.16 -31.23
N THR A 7 10.36 -1.08 -30.89
CA THR A 7 9.13 -1.68 -31.36
C THR A 7 7.93 -1.34 -30.46
N ASN A 8 8.17 -0.62 -29.37
CA ASN A 8 7.09 -0.11 -28.53
C ASN A 8 6.84 1.36 -28.86
N ALA A 9 5.60 1.79 -28.73
CA ALA A 9 5.24 3.18 -28.96
C ALA A 9 5.18 3.94 -27.65
N TYR A 10 5.44 5.24 -27.70
CA TYR A 10 5.29 6.05 -26.50
C TYR A 10 4.62 7.37 -26.84
N TYR A 11 4.06 8.00 -25.81
CA TYR A 11 3.32 9.25 -25.89
C TYR A 11 3.67 10.11 -24.68
N SER A 12 4.24 11.29 -24.92
CA SER A 12 4.75 12.18 -23.89
C SER A 12 3.73 13.22 -23.48
N ASP A 13 3.95 13.80 -22.30
CA ASP A 13 3.16 14.95 -21.84
C ASP A 13 1.69 14.58 -21.74
N GLU A 14 1.41 13.36 -21.27
CA GLU A 14 0.06 12.86 -21.09
C GLU A 14 -0.32 12.90 -19.60
N VAL A 15 -1.61 12.78 -19.33
CA VAL A 15 -2.11 12.62 -17.96
C VAL A 15 -3.05 11.45 -17.92
N ILE A 16 -2.99 10.67 -16.85
CA ILE A 16 -3.88 9.52 -16.73
C ILE A 16 -5.26 10.04 -16.29
N SER A 17 -6.27 9.85 -17.14
CA SER A 17 -7.59 10.44 -16.92
C SER A 17 -8.68 9.45 -16.56
N GLU A 18 -8.49 8.16 -16.79
CA GLU A 18 -9.47 7.16 -16.36
C GLU A 18 -8.73 5.89 -15.93
N LEU A 19 -9.40 5.13 -15.07
CA LEU A 19 -8.83 3.88 -14.57
C LEU A 19 -9.96 2.88 -14.38
N HIS A 20 -9.70 1.62 -14.74
CA HIS A 20 -10.68 0.55 -14.68
C HIS A 20 -9.97 -0.70 -14.16
N VAL A 21 -10.66 -1.46 -13.30
CA VAL A 21 -10.15 -2.73 -12.79
C VAL A 21 -11.21 -3.80 -13.04
N GLY A 22 -10.79 -4.97 -13.53
CA GLY A 22 -11.71 -6.04 -13.86
C GLY A 22 -11.04 -7.40 -13.83
N GLN A 23 -11.72 -8.43 -14.32
CA GLN A 23 -11.13 -9.75 -14.48
C GLN A 23 -11.52 -10.33 -15.84
N ILE A 24 -10.60 -11.07 -16.45
CA ILE A 24 -10.89 -11.78 -17.69
C ILE A 24 -10.13 -13.10 -17.65
N ASP A 25 -10.83 -14.20 -17.97
CA ASP A 25 -10.20 -15.52 -18.08
C ASP A 25 -9.27 -15.82 -16.90
N THR A 26 -9.82 -15.62 -15.70
CA THR A 26 -9.21 -15.85 -14.38
C THR A 26 -8.12 -14.85 -14.03
N SER A 27 -7.86 -13.83 -14.85
CA SER A 27 -6.77 -12.89 -14.62
C SER A 27 -7.30 -11.54 -14.20
N PRO A 28 -6.93 -11.02 -13.03
CA PRO A 28 -7.16 -9.59 -12.77
C PRO A 28 -6.49 -8.80 -13.89
N TYR A 29 -7.11 -7.69 -14.28
CA TYR A 29 -6.50 -6.78 -15.23
C TYR A 29 -6.88 -5.36 -14.85
N PHE A 30 -6.15 -4.40 -15.41
CA PHE A 30 -6.57 -3.01 -15.29
C PHE A 30 -6.27 -2.32 -16.61
N CYS A 31 -6.97 -1.21 -16.82
CA CYS A 31 -6.77 -0.41 -18.00
C CYS A 31 -6.69 1.05 -17.59
N ILE A 32 -5.94 1.83 -18.34
CA ILE A 32 -5.92 3.27 -18.14
C ILE A 32 -6.20 3.97 -19.46
N LYS A 33 -6.74 5.19 -19.36
CA LYS A 33 -6.84 6.12 -20.48
C LYS A 33 -6.01 7.34 -20.14
N THR A 34 -5.19 7.78 -21.08
CA THR A 34 -4.41 9.00 -20.93
C THR A 34 -4.74 9.96 -22.07
N VAL A 35 -4.60 11.25 -21.78
CA VAL A 35 -4.81 12.31 -22.75
C VAL A 35 -3.64 13.28 -22.63
N LYS A 36 -3.37 14.01 -23.71
CA LYS A 36 -2.38 15.07 -23.62
C LYS A 36 -2.74 16.01 -22.48
N ALA A 37 -1.72 16.47 -21.74
CA ALA A 37 -1.97 17.41 -20.67
C ALA A 37 -2.65 18.68 -21.17
N ASN A 38 -2.43 19.06 -22.43
CA ASN A 38 -3.09 20.26 -22.97
C ASN A 38 -4.41 19.95 -23.67
N GLY A 39 -4.85 18.70 -23.66
CA GLY A 39 -6.12 18.34 -24.25
C GLY A 39 -6.09 18.07 -25.74
N SER A 40 -4.97 18.31 -26.42
CA SER A 40 -4.87 18.05 -27.86
C SER A 40 -4.79 16.54 -28.12
N GLY A 41 -5.05 16.17 -29.37
CA GLY A 41 -4.80 14.81 -29.83
C GLY A 41 -5.88 13.83 -29.41
N THR A 42 -5.53 12.56 -29.43
CA THR A 42 -6.42 11.43 -29.22
C THR A 42 -6.01 10.67 -27.97
N PRO A 43 -6.95 10.13 -27.22
CA PRO A 43 -6.56 9.40 -25.99
C PRO A 43 -5.77 8.16 -26.32
N VAL A 44 -4.92 7.76 -25.37
CA VAL A 44 -4.18 6.51 -25.40
C VAL A 44 -4.83 5.59 -24.38
N VAL A 45 -5.25 4.41 -24.81
CA VAL A 45 -5.80 3.39 -23.92
C VAL A 45 -4.83 2.21 -23.89
N ALA A 46 -4.48 1.77 -22.70
CA ALA A 46 -3.57 0.64 -22.53
C ALA A 46 -4.00 -0.17 -21.31
N CYS A 47 -3.73 -1.46 -21.37
CA CYS A 47 -4.20 -2.40 -20.36
C CYS A 47 -3.06 -3.32 -19.98
N ALA A 48 -3.16 -3.86 -18.76
CA ALA A 48 -2.25 -4.88 -18.26
C ALA A 48 -3.08 -6.02 -17.72
N VAL A 49 -2.74 -7.26 -18.11
CA VAL A 49 -3.49 -8.45 -17.74
C VAL A 49 -2.56 -9.37 -16.97
N SER A 50 -2.97 -9.72 -15.75
CA SER A 50 -2.05 -10.28 -14.75
C SER A 50 -1.29 -11.49 -15.25
N LYS A 51 -1.94 -12.41 -15.94
CA LYS A 51 -1.25 -13.65 -16.29
C LYS A 51 -0.93 -13.76 -17.77
N GLN A 52 -0.84 -12.64 -18.48
CA GLN A 52 -0.82 -12.70 -19.94
C GLN A 52 0.13 -11.69 -20.55
N SER A 53 0.66 -12.04 -21.72
CA SER A 53 1.64 -11.26 -22.47
C SER A 53 3.02 -11.32 -21.81
N ILE A 54 4.07 -10.96 -22.56
CA ILE A 54 5.42 -10.98 -21.99
C ILE A 54 5.59 -9.96 -20.89
N TRP A 55 4.65 -9.02 -20.76
CA TRP A 55 4.70 -8.00 -19.71
C TRP A 55 4.03 -8.42 -18.41
N ALA A 56 3.51 -9.65 -18.33
CA ALA A 56 2.92 -10.13 -17.07
C ALA A 56 3.78 -9.92 -15.83
N PRO A 57 5.11 -10.09 -15.85
CA PRO A 57 5.88 -9.98 -14.61
C PRO A 57 5.76 -8.62 -13.91
N SER A 58 5.44 -7.56 -14.64
CA SER A 58 5.41 -6.21 -14.08
C SER A 58 4.00 -5.74 -13.77
N PHE A 59 3.02 -6.64 -13.81
CA PHE A 59 1.62 -6.25 -13.58
C PHE A 59 1.49 -5.44 -12.29
N LYS A 60 2.00 -5.95 -11.18
CA LYS A 60 1.76 -5.26 -9.91
C LYS A 60 2.42 -3.90 -9.88
N GLU A 61 3.65 -3.80 -10.35
CA GLU A 61 4.34 -2.51 -10.31
C GLU A 61 3.66 -1.51 -11.25
N LEU A 62 3.17 -1.97 -12.41
CA LEU A 62 2.48 -1.07 -13.32
C LEU A 62 1.16 -0.60 -12.74
N LEU A 63 0.41 -1.52 -12.12
CA LEU A 63 -0.85 -1.12 -11.48
C LEU A 63 -0.59 -0.10 -10.38
N ASP A 64 0.39 -0.36 -9.51
CA ASP A 64 0.68 0.61 -8.44
C ASP A 64 1.11 1.96 -9.03
N GLN A 65 1.97 1.95 -10.06
CA GLN A 65 2.45 3.22 -10.60
C GLN A 65 1.34 3.97 -11.34
N ALA A 66 0.49 3.24 -12.05
CA ALA A 66 -0.64 3.88 -12.70
C ALA A 66 -1.54 4.56 -11.68
N ARG A 67 -1.83 3.88 -10.57
CA ARG A 67 -2.64 4.49 -9.53
C ARG A 67 -1.94 5.72 -8.95
N TYR A 68 -0.61 5.63 -8.75
CA TYR A 68 0.11 6.76 -8.20
C TYR A 68 -0.03 7.98 -9.11
N PHE A 69 0.28 7.83 -10.41
CA PHE A 69 0.25 8.96 -11.34
C PHE A 69 -1.17 9.43 -11.59
N TYR A 70 -2.14 8.52 -11.55
CA TYR A 70 -3.55 8.92 -11.66
C TYR A 70 -3.94 9.83 -10.51
N SER A 71 -3.57 9.47 -9.29
CA SER A 71 -4.00 10.25 -8.14
C SER A 71 -3.31 11.62 -8.09
N THR A 72 -2.09 11.75 -8.62
CA THR A 72 -1.45 13.05 -8.63
C THR A 72 -1.87 13.90 -9.83
N GLY A 73 -2.31 13.28 -10.92
CA GLY A 73 -2.63 14.02 -12.13
C GLY A 73 -1.43 14.59 -12.86
N GLN A 74 -0.22 14.14 -12.53
CA GLN A 74 0.95 14.75 -13.13
C GLN A 74 1.18 14.25 -14.56
N SER A 75 1.98 15.01 -15.30
CA SER A 75 2.26 14.66 -16.68
C SER A 75 3.22 13.47 -16.72
N VAL A 76 2.97 12.54 -17.66
CA VAL A 76 3.78 11.32 -17.79
C VAL A 76 3.97 10.98 -19.25
N ARG A 77 4.96 10.12 -19.51
CA ARG A 77 5.09 9.45 -20.80
C ARG A 77 4.58 8.02 -20.62
N ILE A 78 3.59 7.63 -21.44
CA ILE A 78 3.09 6.26 -21.41
C ILE A 78 3.74 5.48 -22.54
N HIS A 79 4.18 4.26 -22.23
CA HIS A 79 4.82 3.36 -23.17
C HIS A 79 3.92 2.14 -23.34
N VAL A 80 3.71 1.71 -24.58
CA VAL A 80 2.83 0.58 -24.87
C VAL A 80 3.42 -0.29 -25.97
N GLN A 81 2.98 -1.54 -26.01
CA GLN A 81 3.18 -2.41 -27.17
C GLN A 81 1.84 -2.62 -27.84
N LYS A 82 1.77 -2.31 -29.14
CA LYS A 82 0.49 -2.38 -29.81
C LYS A 82 0.17 -3.81 -30.21
N ASN A 83 -1.14 -4.06 -30.45
CA ASN A 83 -1.66 -5.29 -31.04
C ASN A 83 -1.35 -6.53 -30.20
N ILE A 84 -1.63 -6.44 -28.90
CA ILE A 84 -1.40 -7.53 -27.96
C ILE A 84 -2.71 -8.24 -27.60
N TRP A 85 -3.69 -7.51 -27.08
CA TRP A 85 -4.93 -8.15 -26.65
C TRP A 85 -5.79 -8.53 -27.87
N THR A 86 -6.53 -9.63 -27.74
CA THR A 86 -7.23 -10.21 -28.88
C THR A 86 -8.74 -10.41 -28.70
N TYR A 87 -9.26 -10.53 -27.48
CA TYR A 87 -10.71 -10.71 -27.35
C TYR A 87 -11.44 -9.50 -27.92
N PRO A 88 -12.20 -9.67 -29.02
CA PRO A 88 -12.74 -8.48 -29.71
C PRO A 88 -13.55 -7.56 -28.84
N LEU A 89 -14.43 -8.09 -27.99
CA LEU A 89 -15.25 -7.21 -27.17
C LEU A 89 -14.38 -6.42 -26.19
N PHE A 90 -13.32 -7.05 -25.67
CA PHE A 90 -12.37 -6.36 -24.80
C PHE A 90 -11.62 -5.28 -25.58
N VAL A 91 -11.07 -5.65 -26.74
CA VAL A 91 -10.34 -4.68 -27.55
C VAL A 91 -11.25 -3.53 -27.95
N ASN A 92 -12.52 -3.81 -28.27
CA ASN A 92 -13.42 -2.72 -28.66
C ASN A 92 -13.77 -1.80 -27.48
N THR A 93 -13.87 -2.36 -26.28
CA THR A 93 -14.12 -1.52 -25.11
C THR A 93 -12.89 -0.68 -24.75
N PHE A 94 -11.70 -1.27 -24.86
CA PHE A 94 -10.48 -0.66 -24.37
C PHE A 94 -9.55 -0.49 -25.55
N SER A 95 -8.58 -1.37 -25.75
CA SER A 95 -7.75 -1.40 -26.95
C SER A 95 -6.94 -2.68 -26.91
N ALA A 96 -6.08 -2.85 -27.91
CA ALA A 96 -5.15 -3.96 -27.94
C ALA A 96 -3.77 -3.59 -27.37
N ASN A 97 -3.61 -2.38 -26.84
CA ASN A 97 -2.32 -1.93 -26.32
C ASN A 97 -2.01 -2.54 -24.96
N ALA A 98 -0.85 -3.18 -24.84
CA ALA A 98 -0.34 -3.54 -23.53
C ALA A 98 0.44 -2.36 -22.96
N LEU A 99 0.22 -2.07 -21.69
CA LEU A 99 1.01 -1.07 -20.99
C LEU A 99 2.37 -1.65 -20.65
N VAL A 100 3.44 -0.95 -21.02
CA VAL A 100 4.79 -1.47 -20.77
C VAL A 100 5.66 -0.51 -19.96
N GLY A 101 5.22 0.70 -19.68
CA GLY A 101 5.99 1.55 -18.78
C GLY A 101 5.33 2.89 -18.58
N LEU A 102 5.74 3.56 -17.50
CA LEU A 102 5.28 4.91 -17.18
C LEU A 102 6.45 5.75 -16.68
N SER A 103 6.62 6.94 -17.25
CA SER A 103 7.71 7.87 -16.92
C SER A 103 7.12 9.22 -16.53
N SER A 104 7.59 9.78 -15.41
CA SER A 104 7.23 11.15 -15.10
C SER A 104 7.88 12.12 -16.09
N CYS A 105 7.23 13.26 -16.33
CA CYS A 105 7.72 14.28 -17.24
C CYS A 105 7.85 15.61 -16.51
N SER A 106 8.89 16.36 -16.84
CA SER A 106 8.99 17.75 -16.44
C SER A 106 8.35 18.60 -17.54
N ALA A 107 8.49 19.92 -17.46
CA ALA A 107 8.03 20.78 -18.53
C ALA A 107 8.92 20.69 -19.76
N THR A 108 10.13 20.15 -19.63
CA THR A 108 11.11 20.18 -20.70
C THR A 108 11.49 18.80 -21.26
N GLN A 109 11.27 17.71 -20.52
CA GLN A 109 11.55 16.38 -21.05
C GLN A 109 10.93 15.35 -20.12
N CYS A 110 10.88 14.11 -20.59
CA CYS A 110 10.33 13.01 -19.81
C CYS A 110 11.46 12.09 -19.39
N PHE A 111 11.33 11.53 -18.19
CA PHE A 111 12.37 10.69 -17.59
C PHE A 111 12.13 9.24 -18.02
N GLY A 112 12.53 8.95 -19.26
CA GLY A 112 12.35 7.63 -19.79
C GLY A 112 12.83 7.55 -21.22
N PRO A 113 12.78 6.35 -21.81
CA PRO A 113 13.31 6.16 -23.17
C PRO A 113 12.44 6.83 -24.24
N LYS A 114 13.09 7.17 -25.35
CA LYS A 114 12.48 7.90 -26.46
C LYS A 114 13.26 7.72 -27.78
N GLU B 1 -14.68 -16.08 -18.81
CA GLU B 1 -15.47 -15.06 -18.15
C GLU B 1 -14.80 -13.70 -18.26
N TRP B 2 -15.59 -12.64 -18.14
CA TRP B 2 -15.09 -11.28 -18.24
C TRP B 2 -16.06 -10.35 -17.54
N THR B 3 -15.51 -9.38 -16.80
CA THR B 3 -16.27 -8.26 -16.27
C THR B 3 -17.34 -7.76 -17.25
N GLY B 4 -16.97 -7.61 -18.51
CA GLY B 4 -17.88 -7.06 -19.51
C GLY B 4 -18.86 -8.04 -20.13
N ASP B 5 -18.93 -9.29 -19.67
CA ASP B 5 -19.94 -10.22 -20.18
C ASP B 5 -21.32 -9.59 -20.07
N ASN B 6 -22.15 -9.80 -21.09
CA ASN B 6 -23.49 -9.23 -21.07
C ASN B 6 -24.40 -9.87 -20.02
N THR B 7 -23.97 -10.97 -19.39
CA THR B 7 -24.69 -11.55 -18.28
C THR B 7 -24.39 -10.87 -16.94
N ASN B 8 -23.48 -9.90 -16.92
CA ASN B 8 -23.23 -9.09 -15.74
C ASN B 8 -24.00 -7.78 -15.83
N ALA B 9 -24.32 -7.21 -14.68
CA ALA B 9 -25.04 -5.95 -14.62
C ALA B 9 -24.09 -4.82 -14.24
N TYR B 10 -24.53 -3.59 -14.45
CA TYR B 10 -23.71 -2.46 -14.07
C TYR B 10 -24.59 -1.27 -13.76
N TYR B 11 -24.02 -0.34 -13.00
CA TYR B 11 -24.72 0.86 -12.56
C TYR B 11 -23.75 2.02 -12.70
N SER B 12 -24.09 3.02 -13.50
CA SER B 12 -23.18 4.10 -13.84
C SER B 12 -23.39 5.30 -12.92
N ASP B 13 -22.41 6.21 -12.94
CA ASP B 13 -22.51 7.48 -12.23
C ASP B 13 -22.83 7.29 -10.75
N GLU B 14 -22.24 6.25 -10.15
CA GLU B 14 -22.41 5.97 -8.74
C GLU B 14 -21.21 6.47 -7.94
N VAL B 15 -21.43 6.68 -6.65
CA VAL B 15 -20.39 7.04 -5.70
C VAL B 15 -20.35 5.97 -4.61
N ILE B 16 -19.16 5.46 -4.29
CA ILE B 16 -19.06 4.49 -3.20
C ILE B 16 -19.29 5.23 -1.88
N SER B 17 -20.35 4.85 -1.16
CA SER B 17 -20.75 5.58 0.03
C SER B 17 -20.45 4.87 1.35
N GLU B 18 -20.23 3.55 1.32
CA GLU B 18 -19.93 2.80 2.54
C GLU B 18 -19.05 1.62 2.19
N LEU B 19 -18.28 1.15 3.18
CA LEU B 19 -17.30 0.08 3.01
C LEU B 19 -17.26 -0.76 4.27
N HIS B 20 -17.23 -2.09 4.08
CA HIS B 20 -17.20 -3.04 5.18
C HIS B 20 -16.19 -4.13 4.86
N VAL B 21 -15.44 -4.54 5.88
CA VAL B 21 -14.48 -5.63 5.76
C VAL B 21 -14.76 -6.64 6.87
N GLY B 22 -14.74 -7.91 6.52
CA GLY B 22 -14.99 -8.95 7.50
C GLY B 22 -14.40 -10.26 7.06
N GLN B 23 -14.82 -11.34 7.72
CA GLN B 23 -14.45 -12.69 7.32
C GLN B 23 -15.67 -13.60 7.31
N ILE B 24 -15.75 -14.50 6.33
CA ILE B 24 -16.79 -15.53 6.32
C ILE B 24 -16.19 -16.81 5.76
N ASP B 25 -16.49 -17.95 6.40
CA ASP B 25 -16.05 -19.27 5.93
C ASP B 25 -14.54 -19.31 5.71
N THR B 26 -13.79 -18.77 6.68
CA THR B 26 -12.33 -18.67 6.67
C THR B 26 -11.79 -17.72 5.61
N SER B 27 -12.63 -16.90 5.00
CA SER B 27 -12.17 -16.04 3.91
C SER B 27 -12.40 -14.57 4.23
N PRO B 28 -11.41 -13.71 4.05
CA PRO B 28 -11.67 -12.26 4.08
C PRO B 28 -12.68 -11.91 3.01
N TYR B 29 -13.49 -10.89 3.29
CA TYR B 29 -14.41 -10.38 2.28
C TYR B 29 -14.55 -8.89 2.52
N PHE B 30 -15.01 -8.17 1.50
CA PHE B 30 -15.43 -6.78 1.70
C PHE B 30 -16.72 -6.54 0.94
N CYS B 31 -17.47 -5.52 1.38
CA CYS B 31 -18.68 -5.08 0.70
C CYS B 31 -18.61 -3.58 0.53
N ILE B 32 -19.25 -3.09 -0.53
CA ILE B 32 -19.41 -1.65 -0.71
C ILE B 32 -20.88 -1.35 -0.97
N LYS B 33 -21.27 -0.14 -0.62
CA LYS B 33 -22.59 0.42 -0.92
C LYS B 33 -22.38 1.66 -1.78
N THR B 34 -23.13 1.78 -2.87
CA THR B 34 -22.99 2.92 -3.73
C THR B 34 -24.36 3.53 -3.96
N VAL B 35 -24.36 4.83 -4.19
CA VAL B 35 -25.57 5.62 -4.45
C VAL B 35 -25.27 6.54 -5.63
N LYS B 36 -26.32 6.90 -6.35
CA LYS B 36 -26.13 7.82 -7.47
C LYS B 36 -25.55 9.13 -6.94
N ALA B 37 -24.63 9.71 -7.72
CA ALA B 37 -24.07 11.00 -7.33
C ALA B 37 -25.17 12.06 -7.18
N ASN B 38 -26.25 11.92 -7.94
CA ASN B 38 -27.39 12.83 -7.89
C ASN B 38 -28.29 12.60 -6.68
N GLY B 39 -28.02 11.60 -5.86
CA GLY B 39 -28.90 11.29 -4.74
C GLY B 39 -30.23 10.68 -5.11
N SER B 40 -30.39 10.18 -6.33
CA SER B 40 -31.61 9.51 -6.73
C SER B 40 -31.50 8.01 -6.43
N GLY B 41 -32.46 7.25 -6.95
CA GLY B 41 -32.39 5.80 -6.98
C GLY B 41 -32.09 5.12 -5.65
N THR B 42 -32.15 3.81 -5.67
CA THR B 42 -31.90 2.86 -4.60
C THR B 42 -30.42 2.51 -4.53
N PRO B 43 -29.88 2.28 -3.35
CA PRO B 43 -28.45 1.93 -3.25
C PRO B 43 -28.17 0.59 -3.90
N VAL B 44 -26.95 0.47 -4.41
CA VAL B 44 -26.42 -0.79 -4.91
C VAL B 44 -25.41 -1.31 -3.90
N VAL B 45 -25.48 -2.59 -3.58
CA VAL B 45 -24.52 -3.23 -2.68
C VAL B 45 -23.85 -4.36 -3.43
N ALA B 46 -22.52 -4.48 -3.27
CA ALA B 46 -21.83 -5.59 -3.90
C ALA B 46 -20.68 -6.02 -2.99
N CYS B 47 -20.35 -7.30 -3.04
CA CYS B 47 -19.36 -7.90 -2.15
C CYS B 47 -18.39 -8.76 -2.95
N ALA B 48 -17.18 -8.88 -2.40
CA ALA B 48 -16.15 -9.77 -2.94
C ALA B 48 -15.63 -10.64 -1.80
N VAL B 49 -15.53 -11.94 -2.05
CA VAL B 49 -15.12 -12.93 -1.06
C VAL B 49 -13.84 -13.56 -1.59
N SER B 50 -12.72 -13.31 -0.93
CA SER B 50 -11.50 -14.04 -1.22
C SER B 50 -11.84 -15.51 -1.10
N LYS B 51 -11.34 -16.34 -1.99
CA LYS B 51 -11.58 -17.77 -1.90
C LYS B 51 -12.92 -18.23 -2.48
N GLN B 52 -13.87 -17.33 -2.83
CA GLN B 52 -15.15 -17.76 -3.35
C GLN B 52 -15.54 -17.04 -4.64
N SER B 53 -16.21 -17.79 -5.54
CA SER B 53 -16.70 -17.29 -6.82
C SER B 53 -15.59 -17.25 -7.87
N ILE B 54 -15.96 -17.22 -9.15
CA ILE B 54 -14.95 -17.17 -10.20
C ILE B 54 -14.15 -15.88 -10.15
N TRP B 55 -14.64 -14.88 -9.43
CA TRP B 55 -13.96 -13.60 -9.32
C TRP B 55 -12.96 -13.54 -8.18
N ALA B 56 -12.77 -14.65 -7.46
CA ALA B 56 -11.82 -14.67 -6.35
C ALA B 56 -10.42 -14.23 -6.73
N PRO B 57 -9.88 -14.56 -7.92
CA PRO B 57 -8.52 -14.11 -8.27
C PRO B 57 -8.31 -12.61 -8.25
N SER B 58 -9.35 -11.79 -8.45
CA SER B 58 -9.19 -10.34 -8.48
C SER B 58 -9.58 -9.67 -7.15
N PHE B 59 -9.70 -10.44 -6.07
CA PHE B 59 -10.10 -9.86 -4.78
C PHE B 59 -9.19 -8.72 -4.35
N LYS B 60 -7.88 -8.92 -4.39
CA LYS B 60 -6.98 -7.88 -3.90
C LYS B 60 -7.09 -6.62 -4.75
N GLU B 61 -7.19 -6.78 -6.06
CA GLU B 61 -7.22 -5.60 -6.93
C GLU B 61 -8.52 -4.83 -6.78
N LEU B 62 -9.65 -5.54 -6.59
CA LEU B 62 -10.92 -4.87 -6.40
C LEU B 62 -11.00 -4.18 -5.05
N LEU B 63 -10.47 -4.80 -4.00
CA LEU B 63 -10.45 -4.15 -2.69
C LEU B 63 -9.61 -2.88 -2.73
N ASP B 64 -8.41 -2.96 -3.32
CA ASP B 64 -7.58 -1.77 -3.40
C ASP B 64 -8.27 -0.68 -4.21
N GLN B 65 -8.92 -1.06 -5.30
CA GLN B 65 -9.59 -0.06 -6.15
C GLN B 65 -10.83 0.50 -5.48
N ALA B 66 -11.62 -0.35 -4.80
CA ALA B 66 -12.77 0.15 -4.05
C ALA B 66 -12.34 1.17 -3.00
N ARG B 67 -11.30 0.84 -2.23
CA ARG B 67 -10.76 1.77 -1.24
C ARG B 67 -10.39 3.09 -1.87
N TYR B 68 -9.72 3.05 -3.03
CA TYR B 68 -9.30 4.27 -3.70
C TYR B 68 -10.51 5.12 -4.08
N PHE B 69 -11.44 4.54 -4.84
CA PHE B 69 -12.61 5.29 -5.27
C PHE B 69 -13.45 5.76 -4.07
N TYR B 70 -13.48 4.98 -3.00
CA TYR B 70 -14.13 5.39 -1.75
C TYR B 70 -13.49 6.66 -1.20
N SER B 71 -12.16 6.70 -1.16
CA SER B 71 -11.49 7.86 -0.59
C SER B 71 -11.64 9.10 -1.47
N THR B 72 -11.73 8.95 -2.79
CA THR B 72 -11.88 10.14 -3.63
C THR B 72 -13.33 10.58 -3.77
N GLY B 73 -14.29 9.67 -3.56
CA GLY B 73 -15.69 9.98 -3.80
C GLY B 73 -16.04 10.29 -5.23
N GLN B 74 -15.18 9.97 -6.18
CA GLN B 74 -15.51 10.24 -7.57
C GLN B 74 -16.60 9.31 -8.09
N SER B 75 -17.18 9.69 -9.21
CA SER B 75 -18.22 8.88 -9.85
C SER B 75 -17.62 7.67 -10.54
N VAL B 76 -18.27 6.52 -10.41
CA VAL B 76 -17.78 5.28 -10.97
C VAL B 76 -18.94 4.46 -11.53
N ARG B 77 -18.59 3.51 -12.39
CA ARG B 77 -19.52 2.48 -12.80
C ARG B 77 -19.18 1.21 -12.01
N ILE B 78 -20.19 0.63 -11.35
CA ILE B 78 -20.06 -0.61 -10.61
C ILE B 78 -20.56 -1.75 -11.48
N HIS B 79 -19.72 -2.79 -11.65
CA HIS B 79 -20.06 -3.99 -12.38
C HIS B 79 -20.26 -5.15 -11.41
N VAL B 80 -21.36 -5.88 -11.55
CA VAL B 80 -21.69 -6.96 -10.63
C VAL B 80 -22.21 -8.17 -11.41
N GLN B 81 -22.06 -9.35 -10.82
CA GLN B 81 -22.80 -10.53 -11.25
C GLN B 81 -23.84 -10.83 -10.18
N LYS B 82 -25.11 -10.82 -10.57
CA LYS B 82 -26.19 -10.97 -9.60
C LYS B 82 -26.31 -12.42 -9.11
N ASN B 83 -26.89 -12.55 -7.91
CA ASN B 83 -27.37 -13.85 -7.42
C ASN B 83 -26.24 -14.85 -7.22
N ILE B 84 -25.14 -14.41 -6.63
CA ILE B 84 -23.99 -15.27 -6.37
C ILE B 84 -23.94 -15.69 -4.91
N TRP B 85 -23.95 -14.74 -3.97
CA TRP B 85 -23.91 -15.09 -2.56
C TRP B 85 -25.29 -15.58 -2.13
N THR B 86 -25.30 -16.58 -1.24
CA THR B 86 -26.54 -17.25 -0.90
C THR B 86 -26.83 -17.41 0.60
N TYR B 87 -25.88 -17.14 1.48
CA TYR B 87 -26.20 -17.27 2.91
C TYR B 87 -27.20 -16.18 3.29
N PRO B 88 -28.42 -16.53 3.68
CA PRO B 88 -29.48 -15.49 3.73
C PRO B 88 -29.20 -14.34 4.69
N LEU B 89 -28.66 -14.59 5.89
CA LEU B 89 -28.34 -13.48 6.78
C LEU B 89 -27.29 -12.56 6.15
N PHE B 90 -26.32 -13.13 5.44
CA PHE B 90 -25.36 -12.31 4.71
C PHE B 90 -26.05 -11.50 3.63
N VAL B 91 -26.83 -12.17 2.78
CA VAL B 91 -27.51 -11.50 1.67
C VAL B 91 -28.41 -10.40 2.19
N ASN B 92 -29.10 -10.66 3.30
CA ASN B 92 -30.03 -9.66 3.81
C ASN B 92 -29.29 -8.48 4.41
N THR B 93 -28.09 -8.70 4.94
CA THR B 93 -27.27 -7.60 5.43
C THR B 93 -26.67 -6.80 4.27
N PHE B 94 -26.29 -7.50 3.21
CA PHE B 94 -25.54 -6.89 2.12
C PHE B 94 -26.31 -7.12 0.84
N SER B 95 -25.94 -8.12 0.04
CA SER B 95 -26.72 -8.46 -1.15
C SER B 95 -26.16 -9.77 -1.69
N ALA B 96 -26.73 -10.25 -2.78
CA ALA B 96 -26.19 -11.41 -3.46
C ALA B 96 -25.25 -11.02 -4.60
N ASN B 97 -24.98 -9.74 -4.81
CA ASN B 97 -24.15 -9.29 -5.94
C ASN B 97 -22.66 -9.52 -5.68
N ALA B 98 -22.00 -10.22 -6.59
CA ALA B 98 -20.55 -10.29 -6.60
C ALA B 98 -20.00 -9.09 -7.35
N LEU B 99 -19.05 -8.38 -6.74
CA LEU B 99 -18.39 -7.27 -7.43
C LEU B 99 -17.43 -7.83 -8.46
N VAL B 100 -17.52 -7.37 -9.72
CA VAL B 100 -16.67 -7.90 -10.77
C VAL B 100 -15.90 -6.83 -11.52
N GLY B 101 -16.10 -5.55 -11.22
CA GLY B 101 -15.31 -4.50 -11.88
C GLY B 101 -15.69 -3.12 -11.36
N LEU B 102 -14.75 -2.20 -11.51
CA LEU B 102 -14.97 -0.79 -11.16
C LEU B 102 -14.36 0.09 -12.24
N SER B 103 -15.09 1.10 -12.68
CA SER B 103 -14.67 1.97 -13.78
C SER B 103 -14.87 3.43 -13.39
N SER B 104 -13.86 4.27 -13.64
CA SER B 104 -14.07 5.70 -13.47
C SER B 104 -15.01 6.26 -14.54
N CYS B 105 -15.71 7.34 -14.22
CA CYS B 105 -16.64 7.96 -15.13
C CYS B 105 -16.25 9.41 -15.35
N SER B 106 -16.51 9.93 -16.55
CA SER B 106 -16.29 11.34 -16.84
C SER B 106 -17.65 12.04 -16.89
N ALA B 107 -17.94 12.87 -17.89
CA ALA B 107 -19.28 13.41 -18.09
C ALA B 107 -20.00 12.76 -19.26
N THR B 108 -19.25 12.17 -20.16
CA THR B 108 -19.72 11.62 -21.40
C THR B 108 -19.90 10.11 -21.34
N GLN B 109 -19.18 9.44 -20.45
CA GLN B 109 -19.04 8.00 -20.53
C GLN B 109 -18.37 7.51 -19.26
N CYS B 110 -18.47 6.20 -19.04
CA CYS B 110 -17.63 5.57 -18.04
C CYS B 110 -16.64 4.65 -18.73
N PHE B 111 -15.45 4.57 -18.15
CA PHE B 111 -14.32 3.91 -18.80
C PHE B 111 -14.37 2.41 -18.48
N GLY B 112 -15.34 1.76 -19.11
CA GLY B 112 -15.52 0.35 -18.89
C GLY B 112 -16.61 -0.19 -19.78
N PRO B 113 -16.82 -1.50 -19.73
CA PRO B 113 -17.80 -2.14 -20.62
C PRO B 113 -19.21 -1.65 -20.36
N LYS B 114 -20.04 -1.79 -21.40
CA LYS B 114 -21.45 -1.44 -21.31
C LYS B 114 -22.20 -2.28 -22.33
N GLU C 1 27.73 -8.02 1.72
CA GLU C 1 27.47 -6.72 1.12
C GLU C 1 26.59 -5.89 2.04
N TRP C 2 26.74 -4.57 1.97
CA TRP C 2 25.93 -3.68 2.77
C TRP C 2 25.83 -2.36 2.03
N THR C 3 24.65 -1.75 2.10
CA THR C 3 24.45 -0.38 1.63
C THR C 3 25.62 0.53 2.00
N GLY C 4 26.15 0.37 3.22
CA GLY C 4 27.18 1.24 3.76
C GLY C 4 28.61 0.85 3.45
N ASP C 5 28.84 -0.20 2.64
CA ASP C 5 30.19 -0.56 2.21
C ASP C 5 30.90 0.66 1.64
N ASN C 6 32.23 0.75 1.82
CA ASN C 6 32.91 1.93 1.32
C ASN C 6 33.12 1.90 -0.19
N THR C 7 32.71 0.83 -0.87
CA THR C 7 32.73 0.79 -2.32
C THR C 7 31.45 1.33 -2.94
N ASN C 8 30.46 1.71 -2.14
CA ASN C 8 29.28 2.38 -2.63
C ASN C 8 29.41 3.89 -2.48
N ALA C 9 28.68 4.63 -3.31
CA ALA C 9 28.74 6.08 -3.31
C ALA C 9 27.44 6.64 -2.75
N TYR C 10 27.49 7.85 -2.21
CA TYR C 10 26.26 8.48 -1.74
C TYR C 10 26.23 9.96 -2.07
N TYR C 11 25.01 10.51 -2.10
CA TYR C 11 24.76 11.89 -2.45
C TYR C 11 23.69 12.44 -1.53
N SER C 12 23.97 13.57 -0.88
CA SER C 12 23.13 14.10 0.19
C SER C 12 22.35 15.32 -0.28
N ASP C 13 21.31 15.66 0.49
CA ASP C 13 20.50 16.86 0.26
C ASP C 13 19.89 16.85 -1.14
N GLU C 14 19.44 15.68 -1.56
CA GLU C 14 18.85 15.46 -2.88
C GLU C 14 17.35 15.39 -2.75
N VAL C 15 16.65 15.73 -3.83
CA VAL C 15 15.21 15.57 -3.92
C VAL C 15 14.90 14.62 -5.08
N ILE C 16 14.07 13.62 -4.83
CA ILE C 16 13.65 12.72 -5.90
C ILE C 16 12.73 13.51 -6.81
N SER C 17 13.19 13.82 -8.02
CA SER C 17 12.47 14.70 -8.92
C SER C 17 11.77 13.98 -10.06
N GLU C 18 12.18 12.76 -10.40
CA GLU C 18 11.51 11.96 -11.43
C GLU C 18 11.50 10.50 -11.01
N LEU C 19 10.54 9.77 -11.58
CA LEU C 19 10.31 8.37 -11.28
C LEU C 19 9.82 7.69 -12.56
N HIS C 20 10.39 6.51 -12.87
CA HIS C 20 10.03 5.72 -14.04
C HIS C 20 9.85 4.27 -13.63
N VAL C 21 8.85 3.59 -14.18
CA VAL C 21 8.64 2.16 -13.94
C VAL C 21 8.50 1.44 -15.28
N GLY C 22 9.18 0.32 -15.41
CA GLY C 22 9.13 -0.45 -16.63
C GLY C 22 9.50 -1.90 -16.40
N GLN C 23 9.80 -2.60 -17.49
CA GLN C 23 10.23 -3.99 -17.45
C GLN C 23 11.40 -4.19 -18.39
N ILE C 24 12.37 -5.02 -17.97
CA ILE C 24 13.46 -5.41 -18.86
C ILE C 24 13.84 -6.85 -18.54
N ASP C 25 13.95 -7.67 -19.59
CA ASP C 25 14.37 -9.07 -19.48
C ASP C 25 13.58 -9.83 -18.42
N THR C 26 12.26 -9.69 -18.51
CA THR C 26 11.26 -10.28 -17.61
C THR C 26 11.27 -9.70 -16.20
N SER C 27 12.00 -8.62 -15.94
CA SER C 27 12.11 -8.04 -14.61
C SER C 27 11.41 -6.71 -14.55
N PRO C 28 10.42 -6.48 -13.70
CA PRO C 28 10.03 -5.10 -13.41
C PRO C 28 11.24 -4.36 -12.86
N TYR C 29 11.31 -3.06 -13.14
CA TYR C 29 12.41 -2.24 -12.63
C TYR C 29 11.87 -0.84 -12.43
N PHE C 30 12.59 -0.05 -11.64
CA PHE C 30 12.29 1.37 -11.58
C PHE C 30 13.58 2.18 -11.53
N CYS C 31 13.45 3.47 -11.88
CA CYS C 31 14.58 4.38 -11.89
C CYS C 31 14.11 5.67 -11.24
N ILE C 32 15.06 6.38 -10.65
CA ILE C 32 14.76 7.70 -10.10
C ILE C 32 15.83 8.68 -10.53
N LYS C 33 15.42 9.94 -10.62
CA LYS C 33 16.32 11.06 -10.84
C LYS C 33 16.24 11.94 -9.61
N THR C 34 17.39 12.37 -9.10
CA THR C 34 17.41 13.27 -7.95
C THR C 34 18.25 14.49 -8.29
N VAL C 35 17.86 15.64 -7.73
CA VAL C 35 18.58 16.90 -7.88
C VAL C 35 18.74 17.52 -6.50
N LYS C 36 19.81 18.30 -6.34
CA LYS C 36 20.04 18.99 -5.08
C LYS C 36 18.87 19.90 -4.74
N ALA C 37 18.47 19.87 -3.48
CA ALA C 37 17.35 20.69 -3.02
C ALA C 37 17.58 22.16 -3.35
N ASN C 38 18.82 22.62 -3.31
CA ASN C 38 19.12 24.04 -3.51
C ASN C 38 19.51 24.34 -4.96
N GLY C 39 19.38 23.38 -5.86
CA GLY C 39 19.64 23.60 -7.27
C GLY C 39 21.10 23.52 -7.69
N SER C 40 22.02 23.18 -6.79
CA SER C 40 23.43 23.01 -7.15
C SER C 40 23.65 21.64 -7.78
N GLY C 41 24.91 21.27 -8.01
CA GLY C 41 25.33 19.94 -8.43
C GLY C 41 24.82 19.51 -9.80
N THR C 42 24.95 18.22 -10.07
CA THR C 42 24.46 17.55 -11.27
C THR C 42 23.48 16.42 -10.90
N PRO C 43 22.46 16.19 -11.72
CA PRO C 43 21.46 15.18 -11.35
C PRO C 43 22.07 13.80 -11.13
N VAL C 44 21.47 13.04 -10.21
CA VAL C 44 21.87 11.67 -9.94
C VAL C 44 20.73 10.78 -10.42
N VAL C 45 21.05 9.71 -11.14
CA VAL C 45 20.08 8.74 -11.61
C VAL C 45 20.50 7.38 -11.09
N ALA C 46 19.55 6.62 -10.56
CA ALA C 46 19.81 5.28 -10.06
C ALA C 46 18.59 4.39 -10.30
N CYS C 47 18.85 3.10 -10.49
CA CYS C 47 17.81 2.16 -10.90
C CYS C 47 17.90 0.92 -10.03
N ALA C 48 16.78 0.23 -9.93
CA ALA C 48 16.69 -1.06 -9.25
C ALA C 48 15.94 -2.01 -10.16
N VAL C 49 16.47 -3.20 -10.34
CA VAL C 49 15.92 -4.20 -11.24
C VAL C 49 15.56 -5.41 -10.40
N SER C 50 14.28 -5.72 -10.32
CA SER C 50 13.86 -6.93 -9.65
C SER C 50 14.42 -8.11 -10.44
N LYS C 51 15.13 -9.00 -9.76
CA LYS C 51 15.74 -10.18 -10.39
C LYS C 51 17.19 -9.98 -10.86
N GLN C 52 17.77 -8.77 -10.82
CA GLN C 52 19.15 -8.60 -11.25
C GLN C 52 19.99 -7.93 -10.17
N SER C 53 21.27 -8.32 -10.10
CA SER C 53 22.27 -7.78 -9.19
C SER C 53 22.11 -8.32 -7.77
N ILE C 54 23.15 -8.14 -6.96
CA ILE C 54 23.10 -8.56 -5.56
C ILE C 54 22.04 -7.82 -4.78
N TRP C 55 21.58 -6.67 -5.28
CA TRP C 55 20.58 -5.87 -4.57
C TRP C 55 19.15 -6.26 -4.89
N ALA C 56 18.94 -7.28 -5.72
CA ALA C 56 17.58 -7.70 -6.06
C ALA C 56 16.69 -7.97 -4.85
N PRO C 57 17.19 -8.55 -3.74
CA PRO C 57 16.27 -8.86 -2.63
C PRO C 57 15.57 -7.63 -2.04
N SER C 58 16.10 -6.43 -2.24
CA SER C 58 15.54 -5.24 -1.61
C SER C 58 14.68 -4.41 -2.54
N PHE C 59 14.33 -4.96 -3.70
CA PHE C 59 13.65 -4.20 -4.74
C PHE C 59 12.34 -3.60 -4.22
N LYS C 60 11.51 -4.42 -3.58
CA LYS C 60 10.20 -3.94 -3.16
C LYS C 60 10.34 -2.82 -2.14
N GLU C 61 11.19 -3.02 -1.15
CA GLU C 61 11.36 -2.00 -0.12
C GLU C 61 11.88 -0.69 -0.71
N LEU C 62 12.82 -0.77 -1.66
CA LEU C 62 13.37 0.44 -2.26
C LEU C 62 12.34 1.14 -3.15
N LEU C 63 11.56 0.37 -3.90
CA LEU C 63 10.51 0.99 -4.72
C LEU C 63 9.50 1.69 -3.83
N ASP C 64 9.07 1.02 -2.76
CA ASP C 64 8.15 1.67 -1.84
C ASP C 64 8.75 2.93 -1.22
N GLN C 65 10.03 2.87 -0.81
CA GLN C 65 10.64 4.02 -0.14
C GLN C 65 10.88 5.17 -1.12
N ALA C 66 11.30 4.85 -2.35
CA ALA C 66 11.44 5.88 -3.37
C ALA C 66 10.11 6.59 -3.61
N ARG C 67 9.01 5.83 -3.71
CA ARG C 67 7.70 6.45 -3.93
C ARG C 67 7.33 7.37 -2.78
N TYR C 68 7.58 6.93 -1.55
CA TYR C 68 7.30 7.73 -0.37
C TYR C 68 8.04 9.07 -0.42
N PHE C 69 9.36 9.02 -0.63
CA PHE C 69 10.16 10.23 -0.67
C PHE C 69 9.86 11.09 -1.90
N TYR C 70 9.55 10.45 -3.03
CA TYR C 70 9.09 11.18 -4.20
C TYR C 70 7.83 11.97 -3.87
N SER C 71 6.91 11.35 -3.13
CA SER C 71 5.63 11.99 -2.85
C SER C 71 5.80 13.20 -1.94
N THR C 72 6.72 13.13 -0.96
CA THR C 72 6.90 14.25 -0.03
C THR C 72 7.79 15.34 -0.60
N GLY C 73 8.70 15.00 -1.51
CA GLY C 73 9.66 15.98 -1.96
C GLY C 73 10.73 16.32 -0.94
N GLN C 74 10.86 15.54 0.13
CA GLN C 74 11.81 15.89 1.17
C GLN C 74 13.25 15.60 0.74
N SER C 75 14.19 16.23 1.43
CA SER C 75 15.60 16.01 1.14
C SER C 75 16.04 14.63 1.63
N VAL C 76 16.85 13.94 0.82
CA VAL C 76 17.25 12.58 1.12
C VAL C 76 18.70 12.37 0.73
N ARG C 77 19.27 11.26 1.21
CA ARG C 77 20.54 10.76 0.73
C ARG C 77 20.27 9.52 -0.11
N ILE C 78 20.82 9.47 -1.32
CA ILE C 78 20.68 8.32 -2.19
C ILE C 78 22.00 7.55 -2.19
N HIS C 79 21.93 6.24 -1.98
CA HIS C 79 23.10 5.38 -1.96
C HIS C 79 23.11 4.51 -3.21
N VAL C 80 24.26 4.44 -3.91
CA VAL C 80 24.33 3.70 -5.15
C VAL C 80 25.61 2.87 -5.23
N GLN C 81 25.57 1.84 -6.05
CA GLN C 81 26.77 1.14 -6.51
C GLN C 81 26.93 1.41 -8.00
N LYS C 82 28.07 1.99 -8.38
CA LYS C 82 28.22 2.40 -9.77
C LYS C 82 28.55 1.21 -10.65
N ASN C 83 28.35 1.39 -11.96
CA ASN C 83 28.80 0.44 -12.99
C ASN C 83 28.20 -0.95 -12.84
N ILE C 84 26.88 -1.01 -12.63
CA ILE C 84 26.20 -2.29 -12.49
C ILE C 84 25.41 -2.67 -13.74
N TRP C 85 24.53 -1.78 -14.22
CA TRP C 85 23.68 -2.11 -15.35
C TRP C 85 24.46 -2.11 -16.66
N THR C 86 24.07 -3.01 -17.57
CA THR C 86 24.85 -3.33 -18.75
C THR C 86 24.25 -2.83 -20.06
N TYR C 87 22.95 -3.04 -20.26
CA TYR C 87 22.36 -2.76 -21.57
C TYR C 87 22.60 -1.30 -21.95
N PRO C 88 23.34 -1.03 -23.04
CA PRO C 88 23.80 0.35 -23.26
C PRO C 88 22.69 1.36 -23.49
N LEU C 89 21.60 0.98 -24.18
CA LEU C 89 20.50 1.94 -24.34
C LEU C 89 19.79 2.22 -23.03
N PHE C 90 19.76 1.23 -22.13
CA PHE C 90 19.20 1.47 -20.79
C PHE C 90 20.11 2.41 -20.01
N VAL C 91 21.42 2.15 -20.01
CA VAL C 91 22.38 3.01 -19.32
C VAL C 91 22.32 4.43 -19.88
N ASN C 92 22.23 4.56 -21.20
CA ASN C 92 22.21 5.87 -21.84
C ASN C 92 20.94 6.65 -21.48
N THR C 93 19.82 5.95 -21.35
CA THR C 93 18.58 6.61 -20.93
C THR C 93 18.62 7.00 -19.46
N PHE C 94 19.19 6.14 -18.62
CA PHE C 94 19.11 6.27 -17.18
C PHE C 94 20.53 6.36 -16.65
N SER C 95 21.08 5.27 -16.11
CA SER C 95 22.47 5.21 -15.70
C SER C 95 22.83 3.75 -15.47
N ALA C 96 24.10 3.51 -15.16
CA ALA C 96 24.53 2.21 -14.69
C ALA C 96 24.51 2.06 -13.16
N ASN C 97 24.01 3.07 -12.43
CA ASN C 97 23.98 3.03 -10.96
C ASN C 97 22.85 2.13 -10.46
N ALA C 98 23.19 1.12 -9.65
CA ALA C 98 22.21 0.40 -8.87
C ALA C 98 21.85 1.22 -7.63
N LEU C 99 20.57 1.34 -7.35
CA LEU C 99 20.12 1.95 -6.11
C LEU C 99 20.27 0.95 -4.98
N VAL C 100 20.98 1.33 -3.92
CA VAL C 100 21.26 0.42 -2.81
C VAL C 100 20.77 0.92 -1.46
N GLY C 101 20.28 2.15 -1.36
CA GLY C 101 19.67 2.62 -0.13
C GLY C 101 19.13 4.02 -0.28
N LEU C 102 18.26 4.38 0.66
CA LEU C 102 17.69 5.73 0.72
C LEU C 102 17.58 6.12 2.18
N SER C 103 18.01 7.35 2.51
CA SER C 103 18.02 7.86 3.89
C SER C 103 17.39 9.24 3.91
N SER C 104 16.59 9.52 4.93
CA SER C 104 16.12 10.88 5.09
C SER C 104 17.26 11.80 5.55
N CYS C 105 17.07 13.10 5.30
CA CYS C 105 17.96 14.15 5.78
C CYS C 105 17.12 15.19 6.49
N SER C 106 17.59 15.62 7.64
CA SER C 106 16.97 16.68 8.44
C SER C 106 17.96 17.84 8.49
N ALA C 107 17.79 18.82 7.60
CA ALA C 107 18.66 19.99 7.52
C ALA C 107 20.10 19.59 7.23
N THR C 108 20.29 19.01 6.03
CA THR C 108 21.59 18.49 5.59
C THR C 108 22.13 17.39 6.51
N GLN C 109 21.21 16.79 7.27
CA GLN C 109 21.37 15.69 8.21
C GLN C 109 21.88 14.40 7.59
N CYS C 110 20.93 13.66 7.02
CA CYS C 110 21.15 12.36 6.40
C CYS C 110 21.46 11.29 7.44
N PHE C 111 20.46 10.43 7.61
CA PHE C 111 20.47 9.32 8.56
C PHE C 111 20.83 8.05 7.81
N GLY C 112 22.12 7.88 7.54
CA GLY C 112 22.59 6.73 6.83
C GLY C 112 24.10 6.71 6.70
N PRO C 113 24.65 5.60 6.22
CA PRO C 113 26.11 5.44 6.19
C PRO C 113 26.79 6.58 5.47
N LYS C 114 28.03 6.81 5.90
CA LYS C 114 28.70 8.08 5.88
C LYS C 114 30.18 7.86 5.58
N GLU D 1 7.99 -15.24 23.18
CA GLU D 1 8.50 -13.88 23.20
C GLU D 1 7.36 -12.92 22.92
N TRP D 2 7.53 -11.65 23.32
CA TRP D 2 6.48 -10.67 23.12
C TRP D 2 7.13 -9.28 23.18
N THR D 3 6.70 -8.41 22.27
CA THR D 3 7.01 -6.98 22.36
C THR D 3 7.02 -6.51 23.81
N GLY D 4 6.02 -6.97 24.58
CA GLY D 4 5.81 -6.49 25.92
C GLY D 4 6.67 -7.11 27.01
N ASP D 5 7.49 -8.10 26.69
CA ASP D 5 8.37 -8.72 27.68
C ASP D 5 9.18 -7.66 28.41
N ASN D 6 9.38 -7.86 29.70
CA ASN D 6 10.09 -6.84 30.48
C ASN D 6 11.60 -6.85 30.22
N THR D 7 12.10 -7.79 29.42
CA THR D 7 13.46 -7.74 28.92
C THR D 7 13.59 -6.86 27.69
N ASN D 8 12.54 -6.20 27.25
CA ASN D 8 12.61 -5.23 26.17
C ASN D 8 12.52 -3.82 26.75
N ALA D 9 13.18 -2.87 26.10
CA ALA D 9 13.13 -1.47 26.52
C ALA D 9 12.07 -0.73 25.72
N TYR D 10 11.61 0.39 26.27
CA TYR D 10 10.68 1.23 25.53
C TYR D 10 10.89 2.69 25.90
N TYR D 11 10.48 3.57 24.99
CA TYR D 11 10.66 5.01 25.14
C TYR D 11 9.37 5.69 24.71
N SER D 12 8.76 6.47 25.62
CA SER D 12 7.47 7.08 25.37
C SER D 12 7.62 8.50 24.85
N ASP D 13 6.54 9.02 24.25
CA ASP D 13 6.47 10.42 23.83
C ASP D 13 7.55 10.76 22.80
N GLU D 14 7.85 9.80 21.91
CA GLU D 14 8.86 9.96 20.87
C GLU D 14 8.22 10.28 19.53
N VAL D 15 8.99 10.94 18.66
CA VAL D 15 8.57 11.20 17.28
C VAL D 15 9.60 10.56 16.36
N ILE D 16 9.11 9.82 15.36
CA ILE D 16 10.03 9.23 14.40
C ILE D 16 10.54 10.37 13.52
N SER D 17 11.83 10.68 13.64
CA SER D 17 12.39 11.83 12.96
C SER D 17 13.22 11.49 11.74
N GLU D 18 13.66 10.24 11.58
CA GLU D 18 14.41 9.81 10.42
C GLU D 18 14.05 8.38 10.07
N LEU D 19 14.22 8.03 8.80
CA LEU D 19 13.91 6.71 8.27
C LEU D 19 14.94 6.37 7.20
N HIS D 20 15.46 5.13 7.24
CA HIS D 20 16.47 4.65 6.31
C HIS D 20 16.09 3.25 5.86
N VAL D 21 16.26 2.97 4.57
CA VAL D 21 16.09 1.62 4.06
C VAL D 21 17.33 1.21 3.29
N GLY D 22 17.72 -0.04 3.44
CA GLY D 22 18.89 -0.54 2.75
C GLY D 22 18.90 -2.05 2.69
N GLN D 23 20.09 -2.61 2.44
CA GLN D 23 20.22 -4.05 2.39
C GLN D 23 21.53 -4.46 3.05
N ILE D 24 21.52 -5.60 3.73
CA ILE D 24 22.75 -6.17 4.28
C ILE D 24 22.65 -7.68 4.22
N ASP D 25 23.69 -8.33 3.69
CA ASP D 25 23.79 -9.79 3.69
C ASP D 25 22.51 -10.45 3.16
N THR D 26 22.10 -9.99 1.97
CA THR D 26 20.96 -10.44 1.18
C THR D 26 19.62 -10.05 1.80
N SER D 27 19.62 -9.29 2.88
CA SER D 27 18.39 -8.98 3.60
C SER D 27 18.06 -7.51 3.52
N PRO D 28 16.88 -7.12 3.03
CA PRO D 28 16.44 -5.73 3.22
C PRO D 28 16.35 -5.44 4.71
N TYR D 29 16.61 -4.19 5.06
CA TYR D 29 16.45 -3.75 6.44
C TYR D 29 15.97 -2.31 6.43
N PHE D 30 15.49 -1.85 7.58
CA PHE D 30 15.21 -0.43 7.75
C PHE D 30 15.59 -0.02 9.17
N CYS D 31 15.79 1.26 9.34
CA CYS D 31 16.17 1.84 10.62
C CYS D 31 15.38 3.12 10.79
N ILE D 32 15.09 3.44 12.05
CA ILE D 32 14.44 4.70 12.38
C ILE D 32 15.23 5.36 13.49
N LYS D 33 15.12 6.68 13.54
CA LYS D 33 15.59 7.48 14.66
C LYS D 33 14.40 8.24 15.21
N THR D 34 14.27 8.25 16.53
CA THR D 34 13.19 8.95 17.19
C THR D 34 13.77 9.91 18.21
N VAL D 35 13.08 11.03 18.40
CA VAL D 35 13.48 12.02 19.40
C VAL D 35 12.26 12.37 20.24
N LYS D 36 12.51 12.80 21.48
CA LYS D 36 11.40 13.23 22.34
C LYS D 36 10.61 14.33 21.64
N ALA D 37 9.28 14.23 21.71
CA ALA D 37 8.45 15.30 21.17
C ALA D 37 8.81 16.66 21.79
N ASN D 38 9.15 16.68 23.09
CA ASN D 38 9.40 17.93 23.77
C ASN D 38 10.86 18.40 23.68
N GLY D 39 11.73 17.64 23.02
CA GLY D 39 13.11 18.06 22.82
C GLY D 39 14.11 17.61 23.87
N SER D 40 13.68 16.90 24.91
CA SER D 40 14.59 16.45 25.95
C SER D 40 15.25 15.13 25.52
N GLY D 41 16.11 14.60 26.41
CA GLY D 41 16.70 13.28 26.25
C GLY D 41 17.71 13.19 25.12
N THR D 42 17.97 11.96 24.72
CA THR D 42 18.87 11.63 23.62
C THR D 42 18.14 10.73 22.63
N PRO D 43 18.52 10.76 21.35
CA PRO D 43 17.76 10.04 20.33
C PRO D 43 17.80 8.52 20.53
N VAL D 44 16.78 7.86 19.98
CA VAL D 44 16.71 6.41 19.94
C VAL D 44 16.83 5.96 18.49
N VAL D 45 17.71 4.98 18.24
CA VAL D 45 17.84 4.36 16.92
C VAL D 45 17.49 2.88 17.07
N ALA D 46 16.65 2.39 16.16
CA ALA D 46 16.27 0.98 16.13
C ALA D 46 16.12 0.55 14.68
N CYS D 47 16.44 -0.72 14.42
CA CYS D 47 16.44 -1.28 13.07
C CYS D 47 15.72 -2.62 13.06
N ALA D 48 15.20 -2.98 11.90
CA ALA D 48 14.64 -4.29 11.67
C ALA D 48 15.27 -4.88 10.42
N VAL D 49 15.64 -6.16 10.49
CA VAL D 49 16.35 -6.83 9.40
C VAL D 49 15.53 -8.03 8.96
N SER D 50 15.12 -8.03 7.68
CA SER D 50 14.09 -8.94 7.21
C SER D 50 14.40 -10.40 7.49
N LYS D 51 15.65 -10.83 7.35
CA LYS D 51 15.93 -12.25 7.47
C LYS D 51 16.60 -12.62 8.79
N GLN D 52 16.54 -11.75 9.81
CA GLN D 52 17.38 -11.93 10.99
C GLN D 52 16.64 -11.58 12.27
N SER D 53 17.07 -12.22 13.35
CA SER D 53 16.48 -12.07 14.69
C SER D 53 15.16 -12.78 14.80
N ILE D 54 14.75 -13.05 16.04
CA ILE D 54 13.43 -13.64 16.30
C ILE D 54 12.31 -12.72 15.86
N TRP D 55 12.61 -11.44 15.64
CA TRP D 55 11.59 -10.46 15.25
C TRP D 55 11.37 -10.40 13.74
N ALA D 56 12.14 -11.17 12.98
CA ALA D 56 12.03 -11.14 11.53
C ALA D 56 10.61 -11.34 11.01
N PRO D 57 9.74 -12.12 11.68
CA PRO D 57 8.40 -12.36 11.12
C PRO D 57 7.52 -11.12 11.03
N SER D 58 7.81 -10.08 11.83
CA SER D 58 7.00 -8.86 11.82
C SER D 58 7.65 -7.73 11.02
N PHE D 59 8.68 -8.04 10.22
CA PHE D 59 9.39 -7.03 9.46
C PHE D 59 8.44 -6.13 8.66
N LYS D 60 7.53 -6.72 7.88
CA LYS D 60 6.69 -5.91 7.02
C LYS D 60 5.75 -5.03 7.85
N GLU D 61 5.11 -5.61 8.86
CA GLU D 61 4.18 -4.82 9.66
C GLU D 61 4.90 -3.67 10.35
N LEU D 62 6.13 -3.90 10.83
CA LEU D 62 6.84 -2.83 11.50
C LEU D 62 7.27 -1.74 10.52
N LEU D 63 7.68 -2.12 9.30
CA LEU D 63 8.10 -1.11 8.33
C LEU D 63 6.91 -0.25 7.92
N ASP D 64 5.77 -0.88 7.64
CA ASP D 64 4.56 -0.13 7.30
C ASP D 64 4.13 0.77 8.46
N GLN D 65 4.16 0.27 9.70
CA GLN D 65 3.75 1.12 10.81
C GLN D 65 4.75 2.23 11.06
N ALA D 66 6.05 1.96 10.87
CA ALA D 66 7.04 3.03 11.01
C ALA D 66 6.81 4.13 9.98
N ARG D 67 6.57 3.74 8.73
CA ARG D 67 6.28 4.74 7.70
C ARG D 67 5.06 5.55 8.06
N TYR D 68 4.02 4.89 8.55
CA TYR D 68 2.80 5.59 8.91
C TYR D 68 3.09 6.64 9.98
N PHE D 69 3.72 6.24 11.09
CA PHE D 69 3.95 7.16 12.20
C PHE D 69 4.98 8.24 11.82
N TYR D 70 5.95 7.89 10.96
CA TYR D 70 6.88 8.87 10.42
C TYR D 70 6.14 9.93 9.62
N SER D 71 5.16 9.51 8.82
CA SER D 71 4.52 10.46 7.93
C SER D 71 3.58 11.42 8.68
N THR D 72 2.99 10.99 9.80
CA THR D 72 2.14 11.90 10.58
C THR D 72 2.93 12.74 11.58
N GLY D 73 4.09 12.27 12.03
CA GLY D 73 4.81 12.99 13.06
C GLY D 73 4.19 12.88 14.44
N GLN D 74 3.26 11.96 14.65
CA GLN D 74 2.61 11.86 15.94
C GLN D 74 3.56 11.26 16.98
N SER D 75 3.22 11.47 18.26
CA SER D 75 4.00 10.92 19.37
C SER D 75 3.67 9.45 19.56
N VAL D 76 4.70 8.63 19.75
CA VAL D 76 4.56 7.19 19.85
C VAL D 76 5.49 6.66 20.95
N ARG D 77 5.23 5.42 21.37
CA ARG D 77 6.16 4.65 22.19
C ARG D 77 6.87 3.65 21.29
N ILE D 78 8.21 3.69 21.29
CA ILE D 78 9.01 2.74 20.54
C ILE D 78 9.49 1.64 21.49
N HIS D 79 9.35 0.40 21.07
CA HIS D 79 9.77 -0.77 21.84
C HIS D 79 10.94 -1.47 21.13
N VAL D 80 12.01 -1.75 21.87
CA VAL D 80 13.21 -2.33 21.29
C VAL D 80 13.72 -3.49 22.15
N GLN D 81 14.47 -4.39 21.53
CA GLN D 81 15.34 -5.32 22.25
C GLN D 81 16.77 -4.91 22.00
N LYS D 82 17.49 -4.59 23.08
CA LYS D 82 18.85 -4.11 22.94
C LYS D 82 19.80 -5.23 22.55
N ASN D 83 20.93 -4.85 21.97
CA ASN D 83 22.08 -5.74 21.79
C ASN D 83 21.77 -6.92 20.87
N ILE D 84 21.08 -6.67 19.75
CA ILE D 84 20.74 -7.72 18.79
C ILE D 84 21.69 -7.70 17.61
N TRP D 85 21.82 -6.56 16.95
CA TRP D 85 22.63 -6.52 15.73
C TRP D 85 24.11 -6.56 16.10
N THR D 86 24.91 -7.23 15.26
CA THR D 86 26.28 -7.53 15.64
C THR D 86 27.36 -7.08 14.65
N TYR D 87 27.01 -6.71 13.42
CA TYR D 87 28.06 -6.21 12.54
C TYR D 87 28.53 -4.83 13.00
N PRO D 88 29.79 -4.68 13.40
CA PRO D 88 30.18 -3.44 14.11
C PRO D 88 29.98 -2.16 13.30
N LEU D 89 30.24 -2.16 11.99
CA LEU D 89 30.06 -0.91 11.24
C LEU D 89 28.59 -0.57 11.09
N PHE D 90 27.72 -1.58 11.01
CA PHE D 90 26.28 -1.34 11.04
C PHE D 90 25.86 -0.73 12.38
N VAL D 91 26.24 -1.37 13.48
CA VAL D 91 25.89 -0.86 14.80
C VAL D 91 26.43 0.55 15.00
N ASN D 92 27.65 0.79 14.54
CA ASN D 92 28.26 2.11 14.62
C ASN D 92 27.43 3.17 13.88
N THR D 93 26.94 2.82 12.70
CA THR D 93 26.14 3.77 11.91
C THR D 93 24.76 3.94 12.52
N PHE D 94 24.20 2.85 13.04
CA PHE D 94 22.80 2.87 13.48
C PHE D 94 22.81 2.52 14.97
N SER D 95 22.53 1.28 15.33
CA SER D 95 22.62 0.82 16.72
C SER D 95 22.45 -0.69 16.70
N ALA D 96 22.50 -1.31 17.88
CA ALA D 96 22.23 -2.73 17.98
C ALA D 96 20.79 -3.03 18.39
N ASN D 97 19.94 -2.00 18.50
CA ASN D 97 18.56 -2.17 18.94
C ASN D 97 17.71 -2.77 17.83
N ALA D 98 17.09 -3.91 18.10
CA ALA D 98 16.03 -4.39 17.21
C ALA D 98 14.72 -3.68 17.55
N LEU D 99 14.02 -3.20 16.53
CA LEU D 99 12.69 -2.65 16.74
C LEU D 99 11.70 -3.79 16.94
N VAL D 100 10.92 -3.74 18.02
CA VAL D 100 10.00 -4.83 18.32
C VAL D 100 8.55 -4.38 18.48
N GLY D 101 8.26 -3.08 18.45
CA GLY D 101 6.87 -2.65 18.42
C GLY D 101 6.77 -1.14 18.41
N LEU D 102 5.58 -0.67 18.02
CA LEU D 102 5.28 0.76 17.97
C LEU D 102 3.87 0.98 18.47
N SER D 103 3.70 2.00 19.32
CA SER D 103 2.42 2.28 19.94
C SER D 103 2.07 3.76 19.77
N SER D 104 0.84 4.06 19.37
CA SER D 104 0.37 5.44 19.47
C SER D 104 0.26 5.86 20.94
N CYS D 105 0.27 7.17 21.17
CA CYS D 105 0.29 7.74 22.52
C CYS D 105 -0.80 8.79 22.61
N SER D 106 -1.69 8.63 23.59
CA SER D 106 -2.69 9.65 23.87
C SER D 106 -2.02 10.86 24.53
N ALA D 107 -2.86 11.79 25.00
CA ALA D 107 -2.34 12.97 25.70
C ALA D 107 -1.57 12.58 26.97
N THR D 108 -1.98 11.52 27.64
CA THR D 108 -1.35 11.18 28.92
C THR D 108 -1.07 9.69 29.10
N GLN D 109 -1.22 8.87 28.06
CA GLN D 109 -0.82 7.47 28.15
C GLN D 109 -0.52 6.96 26.74
N CYS D 110 0.28 5.90 26.67
CA CYS D 110 0.60 5.25 25.41
C CYS D 110 -0.14 3.92 25.32
N PHE D 111 -0.58 3.59 24.10
CA PHE D 111 -1.40 2.39 23.87
C PHE D 111 -0.48 1.21 23.57
N GLY D 112 0.11 0.67 24.63
CA GLY D 112 1.03 -0.42 24.47
C GLY D 112 1.57 -0.85 25.82
N PRO D 113 2.35 -1.93 25.84
CA PRO D 113 2.81 -2.46 27.12
C PRO D 113 3.80 -1.52 27.79
N LYS D 114 3.82 -1.60 29.12
CA LYS D 114 4.76 -0.83 29.94
C LYS D 114 5.12 -1.63 31.18
N GLU E 1 -18.10 -19.80 10.12
CA GLU E 1 -18.13 -18.63 10.98
C GLU E 1 -18.33 -17.37 10.13
N TRP E 2 -18.80 -16.29 10.75
CA TRP E 2 -19.00 -15.04 10.04
C TRP E 2 -18.91 -13.88 11.01
N THR E 3 -18.27 -12.81 10.57
CA THR E 3 -18.26 -11.53 11.28
C THR E 3 -19.62 -11.26 11.90
N GLY E 4 -20.67 -11.50 11.13
CA GLY E 4 -22.03 -11.19 11.53
C GLY E 4 -22.72 -12.18 12.44
N ASP E 5 -22.08 -13.28 12.84
CA ASP E 5 -22.71 -14.23 13.76
C ASP E 5 -23.19 -13.51 15.01
N ASN E 6 -24.34 -13.93 15.54
CA ASN E 6 -24.83 -13.28 16.75
C ASN E 6 -24.01 -13.63 18.00
N THR E 7 -23.08 -14.57 17.92
CA THR E 7 -22.15 -14.80 19.03
C THR E 7 -20.98 -13.82 19.04
N ASN E 8 -20.90 -12.91 18.08
CA ASN E 8 -19.96 -11.82 18.12
C ASN E 8 -20.64 -10.57 18.66
N ALA E 9 -19.84 -9.59 19.04
CA ALA E 9 -20.37 -8.36 19.61
C ALA E 9 -19.96 -7.22 18.70
N TYR E 10 -20.71 -6.12 18.77
CA TYR E 10 -20.36 -4.97 17.94
C TYR E 10 -20.68 -3.68 18.68
N TYR E 11 -20.03 -2.60 18.25
CA TYR E 11 -20.19 -1.29 18.87
C TYR E 11 -20.20 -0.25 17.76
N SER E 12 -21.25 0.57 17.69
CA SER E 12 -21.45 1.48 16.59
C SER E 12 -21.02 2.90 16.96
N ASP E 13 -20.87 3.73 15.92
CA ASP E 13 -20.61 5.16 16.11
C ASP E 13 -19.31 5.37 16.88
N GLU E 14 -18.30 4.54 16.58
CA GLU E 14 -16.99 4.56 17.19
C GLU E 14 -15.96 5.20 16.24
N VAL E 15 -14.85 5.66 16.82
CA VAL E 15 -13.71 6.19 16.07
C VAL E 15 -12.45 5.47 16.55
N ILE E 16 -11.65 4.97 15.62
CA ILE E 16 -10.42 4.29 16.02
C ILE E 16 -9.46 5.35 16.54
N SER E 17 -9.13 5.30 17.84
CA SER E 17 -8.34 6.35 18.45
C SER E 17 -6.90 5.97 18.77
N GLU E 18 -6.57 4.69 18.81
CA GLU E 18 -5.20 4.27 19.05
C GLU E 18 -4.89 3.04 18.21
N LEU E 19 -3.60 2.82 17.99
CA LEU E 19 -3.14 1.74 17.12
C LEU E 19 -1.77 1.28 17.60
N HIS E 20 -1.58 -0.03 17.72
CA HIS E 20 -0.32 -0.60 18.18
C HIS E 20 0.03 -1.79 17.29
N VAL E 21 1.31 -1.95 16.99
CA VAL E 21 1.79 -3.11 16.22
C VAL E 21 2.94 -3.73 17.00
N GLY E 22 2.92 -5.06 17.14
CA GLY E 22 4.01 -5.76 17.79
C GLY E 22 4.13 -7.20 17.32
N GLN E 23 4.86 -8.02 18.07
CA GLN E 23 5.00 -9.44 17.76
C GLN E 23 4.80 -10.25 19.04
N ILE E 24 4.16 -11.42 18.91
CA ILE E 24 4.01 -12.32 20.04
C ILE E 24 4.05 -13.75 19.52
N ASP E 25 4.88 -14.59 20.13
CA ASP E 25 5.01 -15.99 19.77
C ASP E 25 5.12 -16.18 18.24
N THR E 26 6.09 -15.47 17.65
CA THR E 26 6.43 -15.48 16.23
C THR E 26 5.37 -14.89 15.31
N SER E 27 4.29 -14.30 15.84
CA SER E 27 3.22 -13.74 15.01
C SER E 27 3.21 -12.22 15.12
N PRO E 28 3.29 -11.47 14.01
CA PRO E 28 2.89 -10.06 14.08
C PRO E 28 1.45 -9.97 14.54
N TYR E 29 1.14 -8.89 15.25
CA TYR E 29 -0.22 -8.62 15.69
C TYR E 29 -0.42 -7.12 15.71
N PHE E 30 -1.69 -6.69 15.70
CA PHE E 30 -1.97 -5.28 15.95
C PHE E 30 -3.16 -5.19 16.89
N CYS E 31 -3.27 -4.03 17.53
CA CYS E 31 -4.40 -3.74 18.40
C CYS E 31 -4.91 -2.34 18.10
N ILE E 32 -6.22 -2.14 18.26
CA ILE E 32 -6.80 -0.82 18.17
C ILE E 32 -7.61 -0.56 19.43
N LYS E 33 -7.76 0.72 19.76
CA LYS E 33 -8.71 1.20 20.74
C LYS E 33 -9.69 2.12 20.02
N THR E 34 -10.96 2.04 20.37
CA THR E 34 -11.98 2.87 19.76
C THR E 34 -12.80 3.52 20.86
N VAL E 35 -13.29 4.73 20.57
CA VAL E 35 -14.13 5.48 21.49
C VAL E 35 -15.33 6.03 20.74
N LYS E 36 -16.40 6.29 21.48
CA LYS E 36 -17.61 6.84 20.87
C LYS E 36 -17.31 8.19 20.25
N ALA E 37 -17.78 8.38 19.01
CA ALA E 37 -17.62 9.67 18.37
C ALA E 37 -18.17 10.80 19.23
N ASN E 38 -19.25 10.55 19.97
CA ASN E 38 -19.91 11.57 20.78
C ASN E 38 -19.41 11.61 22.23
N GLY E 39 -18.26 10.99 22.51
CA GLY E 39 -17.68 11.03 23.84
C GLY E 39 -18.35 10.17 24.89
N SER E 40 -19.47 9.52 24.59
CA SER E 40 -20.14 8.70 25.60
C SER E 40 -19.45 7.35 25.75
N GLY E 41 -19.94 6.53 26.67
CA GLY E 41 -19.52 5.14 26.80
C GLY E 41 -18.09 4.96 27.30
N THR E 42 -17.60 3.72 27.11
CA THR E 42 -16.28 3.25 27.53
C THR E 42 -15.50 2.76 26.31
N PRO E 43 -14.18 2.90 26.31
CA PRO E 43 -13.40 2.52 25.13
C PRO E 43 -13.49 1.02 24.85
N VAL E 44 -13.34 0.65 23.58
CA VAL E 44 -13.31 -0.74 23.16
C VAL E 44 -11.91 -1.04 22.64
N VAL E 45 -11.35 -2.19 23.04
CA VAL E 45 -10.05 -2.61 22.53
C VAL E 45 -10.21 -3.99 21.87
N ALA E 46 -9.60 -4.14 20.69
CA ALA E 46 -9.59 -5.44 20.00
C ALA E 46 -8.27 -5.61 19.28
N CYS E 47 -7.86 -6.87 19.12
CA CYS E 47 -6.58 -7.22 18.54
C CYS E 47 -6.75 -8.33 17.52
N ALA E 48 -5.78 -8.41 16.61
CA ALA E 48 -5.69 -9.46 15.60
C ALA E 48 -4.27 -10.00 15.60
N VAL E 49 -4.14 -11.31 15.65
CA VAL E 49 -2.84 -11.98 15.69
C VAL E 49 -2.70 -12.84 14.44
N SER E 50 -1.60 -12.67 13.71
CA SER E 50 -1.50 -13.10 12.32
C SER E 50 -1.75 -14.59 12.13
N LYS E 51 -1.24 -15.44 13.01
CA LYS E 51 -1.49 -16.87 12.79
C LYS E 51 -2.19 -17.53 13.97
N GLN E 52 -3.03 -16.76 14.68
CA GLN E 52 -3.81 -17.30 15.77
C GLN E 52 -5.28 -16.97 15.60
N SER E 53 -6.14 -17.84 16.15
CA SER E 53 -7.59 -17.69 16.11
C SER E 53 -8.16 -18.04 14.74
N ILE E 54 -9.46 -18.32 14.72
CA ILE E 54 -10.16 -18.58 13.46
C ILE E 54 -10.07 -17.40 12.51
N TRP E 55 -9.76 -16.22 13.03
CA TRP E 55 -9.79 -15.00 12.24
C TRP E 55 -8.45 -14.68 11.60
N ALA E 56 -7.45 -15.54 11.77
CA ALA E 56 -6.13 -15.30 11.19
C ALA E 56 -6.16 -15.05 9.68
N PRO E 57 -6.99 -15.73 8.88
CA PRO E 57 -6.95 -15.50 7.44
C PRO E 57 -7.23 -14.07 7.02
N SER E 58 -7.90 -13.28 7.86
CA SER E 58 -8.21 -11.91 7.48
C SER E 58 -7.28 -10.90 8.15
N PHE E 59 -6.13 -11.34 8.65
CA PHE E 59 -5.26 -10.44 9.39
C PHE E 59 -4.86 -9.23 8.55
N LYS E 60 -4.49 -9.46 7.29
CA LYS E 60 -3.98 -8.36 6.47
C LYS E 60 -5.09 -7.39 6.10
N GLU E 61 -6.23 -7.92 5.67
CA GLU E 61 -7.34 -7.05 5.33
C GLU E 61 -7.78 -6.22 6.53
N LEU E 62 -7.83 -6.82 7.72
CA LEU E 62 -8.27 -6.07 8.89
C LEU E 62 -7.25 -5.00 9.28
N LEU E 63 -5.95 -5.32 9.19
CA LEU E 63 -4.93 -4.32 9.50
C LEU E 63 -4.98 -3.16 8.51
N ASP E 64 -5.10 -3.45 7.21
CA ASP E 64 -5.21 -2.38 6.22
C ASP E 64 -6.45 -1.54 6.48
N GLN E 65 -7.59 -2.16 6.78
CA GLN E 65 -8.81 -1.39 6.97
C GLN E 65 -8.78 -0.64 8.29
N ALA E 66 -8.19 -1.24 9.33
CA ALA E 66 -8.02 -0.52 10.58
C ALA E 66 -7.17 0.73 10.38
N ARG E 67 -6.06 0.61 9.64
CA ARG E 67 -5.24 1.78 9.35
C ARG E 67 -6.02 2.81 8.55
N TYR E 68 -6.80 2.36 7.55
CA TYR E 68 -7.60 3.27 6.75
C TYR E 68 -8.56 4.08 7.62
N PHE E 69 -9.40 3.40 8.40
CA PHE E 69 -10.35 4.11 9.26
C PHE E 69 -9.63 4.91 10.35
N TYR E 70 -8.48 4.42 10.83
CA TYR E 70 -7.69 5.20 11.79
C TYR E 70 -7.24 6.51 11.19
N SER E 71 -6.81 6.48 9.91
CA SER E 71 -6.32 7.70 9.28
C SER E 71 -7.44 8.66 8.90
N THR E 72 -8.64 8.17 8.56
CA THR E 72 -9.70 9.11 8.21
C THR E 72 -10.40 9.67 9.44
N GLY E 73 -10.40 8.95 10.56
CA GLY E 73 -11.10 9.41 11.74
C GLY E 73 -12.60 9.33 11.62
N GLN E 74 -13.12 8.57 10.66
CA GLN E 74 -14.56 8.53 10.46
C GLN E 74 -15.23 7.58 11.45
N SER E 75 -16.54 7.71 11.56
CA SER E 75 -17.30 6.86 12.47
C SER E 75 -17.46 5.46 11.88
N VAL E 76 -17.28 4.44 12.73
CA VAL E 76 -17.33 3.05 12.28
C VAL E 76 -18.08 2.20 13.29
N ARG E 77 -18.45 1.00 12.86
CA ARG E 77 -18.89 -0.05 13.76
C ARG E 77 -17.77 -1.07 13.86
N ILE E 78 -17.39 -1.41 15.08
CA ILE E 78 -16.34 -2.39 15.31
C ILE E 78 -16.99 -3.69 15.73
N HIS E 79 -16.56 -4.79 15.10
CA HIS E 79 -17.08 -6.12 15.38
C HIS E 79 -15.98 -6.94 16.05
N VAL E 80 -16.33 -7.62 17.14
CA VAL E 80 -15.35 -8.41 17.87
C VAL E 80 -15.95 -9.74 18.29
N GLN E 81 -15.06 -10.71 18.48
CA GLN E 81 -15.39 -11.92 19.24
C GLN E 81 -14.71 -11.87 20.60
N LYS E 82 -15.49 -12.03 21.66
CA LYS E 82 -14.93 -11.88 23.00
C LYS E 82 -14.18 -13.13 23.43
N ASN E 83 -13.25 -12.93 24.38
CA ASN E 83 -12.58 -14.02 25.11
C ASN E 83 -11.79 -14.95 24.20
N ILE E 84 -10.98 -14.36 23.33
CA ILE E 84 -10.13 -15.12 22.43
C ILE E 84 -8.68 -15.15 22.92
N TRP E 85 -8.07 -13.99 23.16
CA TRP E 85 -6.67 -13.99 23.57
C TRP E 85 -6.55 -14.39 25.04
N THR E 86 -5.43 -15.03 25.38
CA THR E 86 -5.30 -15.66 26.70
C THR E 86 -4.04 -15.30 27.46
N TYR E 87 -2.97 -14.85 26.82
CA TYR E 87 -1.80 -14.46 27.59
C TYR E 87 -2.18 -13.30 28.52
N PRO E 88 -2.08 -13.47 29.84
CA PRO E 88 -2.67 -12.47 30.75
C PRO E 88 -2.07 -11.09 30.65
N LEU E 89 -0.74 -10.96 30.49
CA LEU E 89 -0.17 -9.62 30.45
C LEU E 89 -0.55 -8.92 29.15
N PHE E 90 -0.73 -9.70 28.09
CA PHE E 90 -1.24 -9.17 26.84
C PHE E 90 -2.67 -8.68 27.03
N VAL E 91 -3.51 -9.53 27.61
CA VAL E 91 -4.91 -9.17 27.83
C VAL E 91 -5.01 -7.95 28.73
N ASN E 92 -4.17 -7.90 29.77
CA ASN E 92 -4.19 -6.74 30.66
C ASN E 92 -3.86 -5.46 29.92
N THR E 93 -2.87 -5.52 29.01
CA THR E 93 -2.46 -4.34 28.26
C THR E 93 -3.51 -3.93 27.24
N PHE E 94 -4.10 -4.92 26.56
CA PHE E 94 -5.01 -4.68 25.46
C PHE E 94 -6.36 -5.25 25.86
N SER E 95 -6.71 -6.44 25.39
CA SER E 95 -7.96 -7.09 25.78
C SER E 95 -7.94 -8.50 25.21
N ALA E 96 -8.97 -9.27 25.53
CA ALA E 96 -9.13 -10.60 24.95
C ALA E 96 -9.98 -10.58 23.67
N ASN E 97 -10.45 -9.40 23.24
CA ASN E 97 -11.30 -9.30 22.07
C ASN E 97 -10.51 -9.57 20.79
N ALA E 98 -10.99 -10.46 19.95
CA ALA E 98 -10.48 -10.59 18.60
C ALA E 98 -11.24 -9.62 17.69
N LEU E 99 -10.51 -8.88 16.86
CA LEU E 99 -11.16 -8.03 15.88
C LEU E 99 -11.66 -8.90 14.72
N VAL E 100 -12.95 -8.79 14.37
CA VAL E 100 -13.52 -9.62 13.31
C VAL E 100 -14.16 -8.82 12.17
N GLY E 101 -14.30 -7.52 12.28
CA GLY E 101 -14.80 -6.75 11.15
C GLY E 101 -14.86 -5.27 11.47
N LEU E 102 -14.99 -4.48 10.40
CA LEU E 102 -15.09 -3.03 10.51
C LEU E 102 -16.04 -2.53 9.43
N SER E 103 -16.96 -1.65 9.81
CA SER E 103 -18.03 -1.15 8.96
C SER E 103 -18.05 0.37 9.02
N SER E 104 -18.20 1.04 7.88
CA SER E 104 -18.42 2.48 7.93
C SER E 104 -19.82 2.79 8.46
N CYS E 105 -19.98 3.96 9.08
CA CYS E 105 -21.25 4.38 9.65
C CYS E 105 -21.67 5.74 9.13
N SER E 106 -22.93 5.85 8.69
CA SER E 106 -23.55 7.14 8.43
C SER E 106 -24.07 7.72 9.75
N ALA E 107 -24.73 8.88 9.67
CA ALA E 107 -25.28 9.46 10.89
C ALA E 107 -26.45 8.65 11.44
N THR E 108 -27.04 7.75 10.64
CA THR E 108 -28.22 7.00 11.05
C THR E 108 -28.02 5.49 11.10
N GLN E 109 -27.20 4.92 10.21
CA GLN E 109 -27.04 3.47 10.14
C GLN E 109 -25.58 3.12 9.90
N CYS E 110 -25.20 1.91 10.32
CA CYS E 110 -23.89 1.38 9.99
C CYS E 110 -24.02 0.30 8.93
N PHE E 111 -23.03 0.23 8.05
CA PHE E 111 -23.06 -0.67 6.89
C PHE E 111 -22.39 -1.99 7.27
N GLY E 112 -23.13 -2.80 8.01
CA GLY E 112 -22.61 -4.07 8.47
C GLY E 112 -23.68 -4.82 9.23
N PRO E 113 -23.38 -6.06 9.64
CA PRO E 113 -24.37 -6.84 10.38
C PRO E 113 -24.66 -6.23 11.74
N LYS E 114 -25.88 -6.45 12.21
CA LYS E 114 -26.40 -5.82 13.41
C LYS E 114 -27.28 -6.79 14.22
#